data_9ASX
#
_entry.id   9ASX
#
_cell.length_a   43.970
_cell.length_b   110.389
_cell.length_c   116.944
_cell.angle_alpha   90.00
_cell.angle_beta   90.00
_cell.angle_gamma   90.00
#
_symmetry.space_group_name_H-M   'P 21 21 21'
#
loop_
_entity.id
_entity.type
_entity.pdbx_description
1 polymer Cathepsin-G
2 polymer 'Neutrophil elastase'
3 polymer 'Extracellular Adherence Protein'
4 branched 2-acetamido-2-deoxy-beta-D-glucopyranose-(1-4)-[alpha-L-fucopyranose-(1-6)]2-acetamido-2-deoxy-beta-D-glucopyranose
5 branched beta-D-mannopyranose-(1-4)-2-acetamido-2-deoxy-beta-D-glucopyranose-(1-4)-[alpha-L-fucopyranose-(1-6)]2-acetamido-2-deoxy-beta-D-glucopyranose
6 non-polymer 2-acetamido-2-deoxy-beta-D-glucopyranose
7 water water
#
loop_
_entity_poly.entity_id
_entity_poly.type
_entity_poly.pdbx_seq_one_letter_code
_entity_poly.pdbx_strand_id
1 'polypeptide(L)'
;IIGGRESRPHSRPYMAYLQIQSPAGQSRCGGFLVREDFVLTAAHCWGSNINVTLGAHNIQRRENTQQHITARRAIRHPQY
NQRTIQNDIMLLQLSRRVRRNRNVNPVALPRAQEGLRPGTLCTVAGWGRVSMRRGTDTLREVQLRVQRDRQCLRIFGSYD
PRRQICVGDRRERKAAFKGDSGGPLLCNNVAHGIVSYGKSSGVPPEVFTRVSSFLPWIRTTMR
;
A
2 'polypeptide(L)'
;IVGGRRARPHAWPFMVSLQLRGGHFCGATLIAPNFVMSAAHCVANVNVRAVRVVLGAHNLSRREPTRQVFAVQRIFENGY
DPVNLLNDIVILQLNGSATINANVQVAQLPAQGRRLGNGVQCLAMGWGLLGRNRGIASVLQELNVTVVTSLCRRSNVCTL
VRGRQAGVCFGDSGSPLVCNGLIHGIASFVRGGCASGLYPDAFAPVAQFVNWIDSIIQ
;
B
3 'polypeptide(L)'
;GSTYQVPYSINLNGTSTNILSNLSFSNKPWTNYKNLTSQIKSVLKHDRGISEQDLKYAKKAYYTVYFKNGGKRILQLNSK
NYTANLVHAKDVKRIEITVK
;
C
#
# COMPACT_ATOMS: atom_id res chain seq x y z
N ILE A 1 21.67 2.61 -0.68
CA ILE A 1 22.92 2.20 -0.04
C ILE A 1 22.89 2.60 1.44
N ILE A 2 23.03 1.62 2.34
CA ILE A 2 23.04 1.87 3.78
C ILE A 2 24.49 1.94 4.26
N GLY A 3 24.83 2.99 5.02
CA GLY A 3 26.13 3.10 5.64
C GLY A 3 27.27 3.50 4.71
N GLY A 4 26.95 4.08 3.55
CA GLY A 4 27.95 4.44 2.57
C GLY A 4 28.22 5.92 2.54
N ARG A 5 28.75 6.37 1.42
CA ARG A 5 29.07 7.79 1.23
C ARG A 5 28.68 8.19 -0.18
N GLU A 6 28.58 9.50 -0.40
CA GLU A 6 28.33 10.00 -1.74
C GLU A 6 29.45 9.58 -2.68
N SER A 7 29.10 9.12 -3.87
CA SER A 7 30.15 8.85 -4.82
C SER A 7 30.70 10.16 -5.36
N ARG A 8 31.93 10.11 -5.84
CA ARG A 8 32.45 11.22 -6.60
C ARG A 8 31.71 11.26 -7.93
N PRO A 9 31.13 12.41 -8.31
CA PRO A 9 30.33 12.46 -9.53
C PRO A 9 31.09 11.91 -10.73
N HIS A 10 30.44 10.98 -11.45
CA HIS A 10 30.95 10.39 -12.69
C HIS A 10 32.16 9.49 -12.47
N SER A 11 32.47 9.15 -11.23
CA SER A 11 33.54 8.18 -10.97
C SER A 11 33.15 6.75 -11.33
N ARG A 12 31.86 6.48 -11.56
CA ARG A 12 31.41 5.13 -11.92
C ARG A 12 30.57 5.22 -13.19
N PRO A 13 31.23 5.43 -14.34
CA PRO A 13 30.51 5.79 -15.57
C PRO A 13 29.70 4.67 -16.19
N TYR A 14 29.83 3.44 -15.68
CA TYR A 14 29.03 2.30 -16.13
C TYR A 14 27.65 2.24 -15.45
N MET A 15 27.41 3.07 -14.45
CA MET A 15 26.21 2.94 -13.64
C MET A 15 25.00 3.39 -14.44
N ALA A 16 23.92 2.62 -14.33
CA ALA A 16 22.68 2.89 -15.04
C ALA A 16 21.55 3.00 -14.02
N TYR A 17 20.70 3.99 -14.20
CA TYR A 17 19.50 4.18 -13.37
C TYR A 17 18.29 3.78 -14.20
N LEU A 18 17.44 2.91 -13.66
CA LEU A 18 16.34 2.33 -14.43
C LEU A 18 15.00 2.79 -13.89
N GLN A 19 14.14 3.28 -14.77
CA GLN A 19 12.75 3.61 -14.47
C GLN A 19 11.87 2.59 -15.17
N ILE A 20 11.04 1.90 -14.39
CA ILE A 20 10.37 0.68 -14.83
C ILE A 20 8.87 0.89 -14.68
N GLN A 21 8.13 0.58 -15.73
CA GLN A 21 6.67 0.58 -15.70
C GLN A 21 6.14 -0.83 -15.53
N SER A 22 5.23 -1.02 -14.59
CA SER A 22 4.64 -2.31 -14.27
C SER A 22 3.12 -2.18 -14.29
N PRO A 23 2.40 -3.30 -14.25
CA PRO A 23 0.93 -3.21 -14.20
C PRO A 23 0.41 -2.31 -13.08
N ALA A 24 0.90 -2.51 -11.86
CA ALA A 24 0.37 -1.80 -10.70
C ALA A 24 1.02 -0.46 -10.44
N GLY A 25 2.17 -0.17 -11.03
CA GLY A 25 2.83 1.10 -10.76
C GLY A 25 4.21 1.19 -11.39
N GLN A 26 5.11 1.87 -10.68
CA GLN A 26 6.44 2.16 -11.16
C GLN A 26 7.49 1.67 -10.18
N SER A 27 8.66 1.29 -10.72
CA SER A 27 9.76 0.83 -9.89
C SER A 27 11.05 1.52 -10.33
N ARG A 28 12.06 1.45 -9.47
CA ARG A 28 13.39 2.00 -9.73
C ARG A 28 14.42 0.95 -9.34
N CYS A 29 15.46 0.84 -10.16
CA CYS A 29 16.53 -0.13 -9.97
C CYS A 29 17.83 0.52 -10.45
N GLY A 30 18.94 -0.15 -10.18
CA GLY A 30 20.18 0.12 -10.86
C GLY A 30 20.46 -0.89 -11.97
N GLY A 31 21.63 -0.74 -12.58
CA GLY A 31 22.11 -1.64 -13.60
C GLY A 31 23.48 -1.15 -13.98
N PHE A 32 24.13 -1.86 -14.91
CA PHE A 32 25.44 -1.36 -15.34
C PHE A 32 25.72 -1.69 -16.81
N LEU A 33 26.35 -0.73 -17.48
CA LEU A 33 26.69 -0.88 -18.89
C LEU A 33 27.80 -1.92 -19.06
N VAL A 34 27.55 -2.93 -19.89
CA VAL A 34 28.55 -3.95 -20.18
C VAL A 34 29.02 -3.92 -21.64
N ARG A 35 28.26 -3.28 -22.53
CA ARG A 35 28.69 -2.97 -23.90
C ARG A 35 27.91 -1.74 -24.30
N GLU A 36 28.31 -1.11 -25.42
CA GLU A 36 27.65 0.13 -25.81
C GLU A 36 26.15 -0.03 -26.01
N ASP A 37 25.68 -1.26 -26.24
CA ASP A 37 24.26 -1.50 -26.52
C ASP A 37 23.55 -2.36 -25.46
N PHE A 38 24.22 -2.71 -24.36
CA PHE A 38 23.62 -3.60 -23.36
C PHE A 38 23.89 -3.13 -21.94
N VAL A 39 22.86 -3.24 -21.10
CA VAL A 39 22.95 -3.00 -19.66
C VAL A 39 22.59 -4.30 -18.97
N LEU A 40 23.39 -4.68 -17.98
CA LEU A 40 23.10 -5.85 -17.15
C LEU A 40 22.40 -5.41 -15.86
N THR A 41 21.45 -6.20 -15.38
CA THR A 41 20.70 -5.84 -14.17
C THR A 41 20.05 -7.10 -13.62
N ALA A 42 19.16 -6.93 -12.64
CA ALA A 42 18.47 -8.06 -12.03
C ALA A 42 17.18 -8.36 -12.79
N ALA A 43 16.81 -9.65 -12.88
CA ALA A 43 15.57 -10.00 -13.57
C ALA A 43 14.31 -9.51 -12.82
N HIS A 44 14.36 -9.38 -11.48
CA HIS A 44 13.18 -8.84 -10.80
C HIS A 44 12.95 -7.34 -11.07
N CYS A 45 13.83 -6.66 -11.82
CA CYS A 45 13.62 -5.29 -12.29
C CYS A 45 12.89 -5.22 -13.64
N TRP A 46 12.42 -6.34 -14.16
CA TRP A 46 11.73 -6.35 -15.44
C TRP A 46 10.39 -5.60 -15.35
N GLY A 47 10.00 -4.99 -16.47
CA GLY A 47 8.69 -4.36 -16.60
C GLY A 47 8.38 -4.18 -18.07
N SER A 48 7.13 -3.80 -18.35
CA SER A 48 6.71 -3.72 -19.75
C SER A 48 7.42 -2.58 -20.48
N ASN A 49 7.84 -1.55 -19.76
CA ASN A 49 8.56 -0.42 -20.33
C ASN A 49 9.66 -0.03 -19.36
N ILE A 50 10.88 0.14 -19.88
CA ILE A 50 12.03 0.48 -19.05
C ILE A 50 12.80 1.61 -19.74
N ASN A 51 13.04 2.68 -18.99
CA ASN A 51 13.89 3.79 -19.45
C ASN A 51 15.20 3.72 -18.71
N VAL A 52 16.31 3.83 -19.44
CA VAL A 52 17.65 3.73 -18.87
C VAL A 52 18.26 5.12 -18.92
N THR A 53 18.84 5.56 -17.81
CA THR A 53 19.59 6.81 -17.76
C THR A 53 21.04 6.49 -17.43
N LEU A 54 21.96 6.88 -18.32
CA LEU A 54 23.38 6.74 -18.16
C LEU A 54 24.01 8.12 -17.98
N GLY A 55 25.22 8.13 -17.41
CA GLY A 55 25.96 9.37 -17.21
C GLY A 55 25.45 10.28 -16.10
N ALA A 56 24.75 9.72 -15.13
CA ALA A 56 24.08 10.54 -14.14
C ALA A 56 24.82 10.55 -12.81
N HIS A 57 24.60 11.63 -12.05
CA HIS A 57 25.00 11.68 -10.65
C HIS A 57 23.80 12.01 -9.77
N ASN A 58 23.23 13.20 -9.91
CA ASN A 58 21.93 13.53 -9.33
C ASN A 58 20.87 13.20 -10.37
N ILE A 59 20.16 12.09 -10.16
CA ILE A 59 19.12 11.67 -11.11
C ILE A 59 17.87 12.52 -11.00
N GLN A 60 17.67 13.26 -9.91
CA GLN A 60 16.55 14.17 -9.80
C GLN A 60 16.82 15.50 -10.48
N ARG A 61 18.00 15.65 -11.07
CA ARG A 61 18.38 16.81 -11.86
C ARG A 61 18.48 16.43 -13.33
N ARG A 62 18.12 17.36 -14.19
CA ARG A 62 18.42 17.23 -15.62
C ARG A 62 19.87 17.62 -15.82
N GLU A 63 20.75 16.63 -15.93
CA GLU A 63 22.18 16.85 -16.13
C GLU A 63 22.51 16.65 -17.61
N ASN A 64 23.46 17.43 -18.11
CA ASN A 64 23.82 17.35 -19.53
C ASN A 64 24.69 16.14 -19.85
N THR A 65 25.33 15.54 -18.83
CA THR A 65 26.03 14.28 -19.04
C THR A 65 25.06 13.12 -19.30
N GLN A 66 23.79 13.28 -18.95
CA GLN A 66 22.87 12.15 -18.97
C GLN A 66 22.48 11.78 -20.40
N GLN A 67 22.49 10.49 -20.68
CA GLN A 67 21.91 9.94 -21.90
C GLN A 67 20.74 9.05 -21.51
N HIS A 68 19.54 9.40 -21.95
CA HIS A 68 18.33 8.63 -21.71
C HIS A 68 18.01 7.77 -22.93
N ILE A 69 17.87 6.47 -22.72
CA ILE A 69 17.67 5.53 -23.81
C ILE A 69 16.61 4.51 -23.38
N THR A 70 15.66 4.24 -24.24
CA THR A 70 14.69 3.19 -23.93
C THR A 70 15.32 1.82 -24.16
N ALA A 71 14.95 0.85 -23.32
CA ALA A 71 15.29 -0.53 -23.57
C ALA A 71 14.38 -1.08 -24.66
N ARG A 72 14.95 -1.52 -25.78
CA ARG A 72 14.12 -2.11 -26.83
C ARG A 72 13.85 -3.59 -26.60
N ARG A 73 14.71 -4.26 -25.82
CA ARG A 73 14.48 -5.62 -25.33
C ARG A 73 14.89 -5.69 -23.87
N ALA A 74 14.14 -6.47 -23.09
CA ALA A 74 14.45 -6.73 -21.68
C ALA A 74 14.41 -8.25 -21.53
N ILE A 75 15.59 -8.88 -21.52
CA ILE A 75 15.72 -10.32 -21.64
C ILE A 75 16.03 -10.90 -20.26
N ARG A 76 15.00 -11.42 -19.59
CA ARG A 76 15.18 -12.13 -18.34
C ARG A 76 15.81 -13.49 -18.59
N HIS A 77 16.60 -13.97 -17.62
CA HIS A 77 17.15 -15.31 -17.74
C HIS A 77 15.99 -16.29 -17.92
N PRO A 78 16.09 -17.25 -18.87
CA PRO A 78 14.94 -18.15 -19.13
C PRO A 78 14.51 -18.97 -17.94
N GLN A 79 15.39 -19.22 -16.98
CA GLN A 79 15.02 -19.97 -15.79
C GLN A 79 14.88 -19.08 -14.55
N TYR A 80 14.74 -17.77 -14.73
CA TYR A 80 14.45 -16.87 -13.61
C TYR A 80 13.23 -17.34 -12.83
N ASN A 81 13.38 -17.43 -11.51
CA ASN A 81 12.29 -17.86 -10.63
C ASN A 81 11.94 -16.72 -9.68
N GLN A 82 10.80 -16.08 -9.91
CA GLN A 82 10.34 -14.94 -9.12
C GLN A 82 10.21 -15.26 -7.64
N ARG A 83 9.78 -16.48 -7.33
CA ARG A 83 9.45 -16.84 -5.96
C ARG A 83 10.69 -17.09 -5.12
N THR A 84 11.64 -17.85 -5.66
CA THR A 84 12.88 -18.15 -4.94
C THR A 84 13.99 -17.13 -5.23
N ILE A 85 13.80 -16.28 -6.24
CA ILE A 85 14.72 -15.24 -6.68
C ILE A 85 16.00 -15.91 -7.20
N GLN A 86 15.85 -16.97 -8.00
CA GLN A 86 17.00 -17.69 -8.52
C GLN A 86 17.16 -17.37 -10.01
N ASN A 87 18.42 -17.41 -10.47
CA ASN A 87 18.74 -16.99 -11.83
C ASN A 87 18.26 -15.56 -12.07
N ASP A 88 18.51 -14.69 -11.08
CA ASP A 88 18.03 -13.31 -11.07
C ASP A 88 18.99 -12.43 -11.88
N ILE A 89 18.87 -12.48 -13.20
CA ILE A 89 19.76 -11.71 -14.06
C ILE A 89 19.00 -11.35 -15.33
N MET A 90 19.23 -10.15 -15.83
CA MET A 90 18.52 -9.67 -17.01
C MET A 90 19.41 -8.77 -17.84
N LEU A 91 19.32 -8.91 -19.17
CA LEU A 91 20.03 -8.06 -20.11
C LEU A 91 19.05 -7.11 -20.77
N LEU A 92 19.41 -5.83 -20.80
CA LEU A 92 18.66 -4.80 -21.49
C LEU A 92 19.41 -4.42 -22.75
N GLN A 93 18.79 -4.65 -23.91
CA GLN A 93 19.31 -4.16 -25.17
C GLN A 93 18.79 -2.75 -25.40
N LEU A 94 19.69 -1.79 -25.54
CA LEU A 94 19.31 -0.39 -25.69
C LEU A 94 18.83 -0.14 -27.11
N SER A 95 17.83 0.73 -27.25
CA SER A 95 17.27 1.02 -28.58
C SER A 95 18.30 1.67 -29.50
N ARG A 96 19.30 2.35 -28.94
CA ARG A 96 20.43 2.85 -29.70
C ARG A 96 21.68 2.66 -28.87
N ARG A 97 22.82 2.53 -29.54
CA ARG A 97 24.08 2.40 -28.84
C ARG A 97 24.40 3.70 -28.11
N VAL A 98 25.06 3.58 -26.95
CA VAL A 98 25.44 4.77 -26.21
C VAL A 98 26.56 5.50 -26.95
N ARG A 99 26.70 6.79 -26.66
CA ARG A 99 27.83 7.58 -27.12
C ARG A 99 28.87 7.48 -26.03
N ARG A 100 29.89 6.67 -26.26
CA ARG A 100 30.87 6.39 -25.22
C ARG A 100 31.72 7.63 -24.95
N ASN A 101 31.94 7.92 -23.66
CA ASN A 101 32.84 9.00 -23.29
C ASN A 101 33.35 8.75 -21.88
N ARG A 102 33.83 9.81 -21.22
CA ARG A 102 34.34 9.65 -19.86
C ARG A 102 33.23 9.38 -18.86
N ASN A 103 32.03 9.93 -19.08
CA ASN A 103 30.92 9.77 -18.16
C ASN A 103 30.08 8.53 -18.46
N VAL A 104 30.30 7.87 -19.60
CA VAL A 104 29.53 6.70 -20.01
C VAL A 104 30.50 5.73 -20.69
N ASN A 105 30.85 4.64 -20.00
CA ASN A 105 31.59 3.57 -20.66
C ASN A 105 31.38 2.27 -19.88
N PRO A 106 31.54 1.13 -20.53
CA PRO A 106 31.17 -0.13 -19.88
C PRO A 106 32.22 -0.59 -18.87
N VAL A 107 31.81 -1.53 -18.04
CA VAL A 107 32.69 -2.14 -17.05
C VAL A 107 32.95 -3.57 -17.48
N ALA A 108 34.16 -4.06 -17.18
CA ALA A 108 34.54 -5.42 -17.51
C ALA A 108 33.78 -6.44 -16.67
N LEU A 109 33.56 -7.61 -17.24
CA LEU A 109 33.02 -8.77 -16.55
C LEU A 109 34.16 -9.74 -16.20
N PRO A 110 33.96 -10.65 -15.27
CA PRO A 110 35.05 -11.51 -14.81
C PRO A 110 35.27 -12.70 -15.74
N ARG A 111 36.20 -13.57 -15.34
CA ARG A 111 36.42 -14.86 -16.00
C ARG A 111 35.41 -15.89 -15.52
N ALA A 112 35.24 -16.95 -16.30
CA ALA A 112 34.30 -18.02 -15.94
C ALA A 112 34.81 -18.76 -14.71
N GLN A 113 33.90 -18.98 -13.75
CA GLN A 113 34.20 -19.64 -12.49
C GLN A 113 35.29 -18.93 -11.69
N GLU A 114 35.50 -17.63 -11.93
CA GLU A 114 36.56 -16.93 -11.23
C GLU A 114 36.23 -16.83 -9.74
N GLY A 115 37.21 -17.15 -8.92
CA GLY A 115 37.00 -17.10 -7.49
C GLY A 115 36.75 -15.69 -6.99
N LEU A 116 35.91 -15.62 -5.97
CA LEU A 116 35.76 -14.41 -5.15
C LEU A 116 35.91 -14.96 -3.74
N ARG A 117 37.14 -14.95 -3.23
CA ARG A 117 37.42 -15.61 -1.97
C ARG A 117 36.79 -14.85 -0.82
N PRO A 118 36.36 -15.55 0.23
CA PRO A 118 35.79 -14.87 1.40
C PRO A 118 36.79 -13.87 1.98
N GLY A 119 36.27 -12.76 2.48
CA GLY A 119 37.09 -11.70 3.05
C GLY A 119 37.41 -10.57 2.10
N THR A 120 37.27 -10.80 0.79
CA THR A 120 37.56 -9.79 -0.23
C THR A 120 36.63 -8.58 -0.07
N LEU A 121 37.21 -7.38 -0.07
CA LEU A 121 36.44 -6.15 0.05
C LEU A 121 36.05 -5.65 -1.35
N CYS A 122 34.75 -5.52 -1.59
CA CYS A 122 34.23 -5.06 -2.87
C CYS A 122 33.44 -3.77 -2.65
N THR A 123 33.04 -3.13 -3.74
CA THR A 123 32.27 -1.90 -3.68
C THR A 123 30.94 -2.10 -4.41
N VAL A 124 29.86 -1.59 -3.84
CA VAL A 124 28.56 -1.53 -4.50
C VAL A 124 28.08 -0.09 -4.51
N ALA A 125 27.43 0.33 -5.60
CA ALA A 125 26.92 1.70 -5.72
C ALA A 125 25.48 1.69 -6.19
N GLY A 126 24.77 2.78 -5.89
CA GLY A 126 23.38 2.87 -6.30
C GLY A 126 22.71 4.13 -5.78
N TRP A 127 21.48 4.32 -6.25
CA TRP A 127 20.63 5.43 -5.84
C TRP A 127 19.52 4.98 -4.89
N GLY A 128 19.68 3.82 -4.24
CA GLY A 128 18.65 3.32 -3.36
C GLY A 128 18.55 4.11 -2.04
N ARG A 129 17.52 3.76 -1.27
CA ARG A 129 17.29 4.38 0.04
C ARG A 129 18.47 4.14 0.98
N VAL A 130 18.69 5.11 1.89
CA VAL A 130 19.81 5.00 2.82
C VAL A 130 19.37 4.56 4.21
N SER A 131 18.07 4.48 4.49
CA SER A 131 17.54 3.94 5.73
C SER A 131 16.08 3.57 5.47
N MET A 132 15.42 3.02 6.48
CA MET A 132 14.01 2.66 6.33
C MET A 132 13.11 3.88 6.31
N ARG A 133 13.70 5.07 6.24
CA ARG A 133 12.93 6.30 6.21
C ARG A 133 13.46 7.38 5.27
N ARG A 134 14.70 7.29 4.77
CA ARG A 134 15.29 8.35 3.96
C ARG A 134 15.93 7.80 2.69
N GLY A 135 15.94 8.62 1.65
CA GLY A 135 16.51 8.23 0.38
C GLY A 135 17.61 9.17 -0.07
N THR A 136 17.99 9.09 -1.34
CA THR A 136 19.04 9.95 -1.89
C THR A 136 18.67 10.35 -3.31
N ASP A 137 19.14 11.53 -3.72
CA ASP A 137 19.02 11.93 -5.12
C ASP A 137 20.32 11.74 -5.90
N THR A 138 21.43 11.51 -5.21
CA THR A 138 22.73 11.35 -5.82
C THR A 138 23.29 9.95 -5.55
N LEU A 139 24.20 9.51 -6.43
CA LEU A 139 24.78 8.17 -6.32
C LEU A 139 25.61 8.04 -5.05
N ARG A 140 25.46 6.91 -4.35
CA ARG A 140 26.21 6.61 -3.15
C ARG A 140 26.88 5.24 -3.31
N GLU A 141 27.85 4.95 -2.45
CA GLU A 141 28.58 3.69 -2.58
C GLU A 141 29.07 3.25 -1.20
N VAL A 142 29.36 1.96 -1.09
CA VAL A 142 29.85 1.40 0.17
C VAL A 142 30.70 0.18 -0.13
N GLN A 143 31.65 -0.10 0.76
CA GLN A 143 32.49 -1.29 0.66
C GLN A 143 31.91 -2.42 1.52
N LEU A 144 31.82 -3.62 0.94
CA LEU A 144 31.26 -4.78 1.63
C LEU A 144 32.24 -5.94 1.52
N ARG A 145 32.17 -6.87 2.46
CA ARG A 145 33.04 -8.04 2.48
C ARG A 145 32.32 -9.28 1.98
N VAL A 146 32.95 -9.99 1.05
CA VAL A 146 32.45 -11.30 0.63
C VAL A 146 32.46 -12.23 1.83
N GLN A 147 31.36 -12.95 2.04
CA GLN A 147 31.22 -13.86 3.18
C GLN A 147 31.52 -15.29 2.77
N ARG A 148 31.77 -16.14 3.77
CA ARG A 148 31.71 -17.57 3.55
C ARG A 148 30.27 -18.00 3.30
N ASP A 149 30.11 -19.02 2.44
CA ASP A 149 28.78 -19.49 2.06
C ASP A 149 27.92 -19.84 3.27
N ARG A 150 28.54 -20.32 4.35
CA ARG A 150 27.76 -20.75 5.50
C ARG A 150 26.99 -19.60 6.14
N GLN A 151 27.46 -18.36 5.97
CA GLN A 151 26.75 -17.23 6.57
C GLN A 151 25.36 -17.04 5.95
N CYS A 152 25.20 -17.33 4.66
CA CYS A 152 23.88 -17.23 4.03
C CYS A 152 23.11 -18.55 4.06
N LEU A 153 23.80 -19.68 4.03
CA LEU A 153 23.10 -20.96 4.12
C LEU A 153 22.33 -21.10 5.43
N ARG A 154 22.81 -20.48 6.50
CA ARG A 154 22.07 -20.57 7.75
C ARG A 154 20.88 -19.61 7.81
N ILE A 155 20.62 -18.84 6.75
CA ILE A 155 19.54 -17.84 6.76
C ILE A 155 18.61 -17.99 5.57
N PHE A 156 19.17 -18.22 4.37
CA PHE A 156 18.42 -18.13 3.12
C PHE A 156 18.29 -19.50 2.49
N GLY A 157 17.07 -20.02 2.41
CA GLY A 157 16.87 -21.39 1.97
C GLY A 157 17.02 -21.63 0.48
N SER A 158 16.96 -20.58 -0.35
CA SER A 158 17.16 -20.75 -1.79
C SER A 158 18.51 -20.19 -2.25
N TYR A 159 19.40 -19.86 -1.32
CA TYR A 159 20.75 -19.41 -1.69
C TYR A 159 21.53 -20.56 -2.29
N ASP A 160 22.11 -20.33 -3.47
CA ASP A 160 22.92 -21.34 -4.17
C ASP A 160 24.30 -20.77 -4.47
N PRO A 161 25.35 -21.22 -3.78
CA PRO A 161 26.69 -20.65 -4.02
C PRO A 161 27.17 -20.80 -5.46
N ARG A 162 26.65 -21.75 -6.24
CA ARG A 162 27.05 -21.85 -7.63
C ARG A 162 26.52 -20.69 -8.46
N ARG A 163 25.39 -20.11 -8.07
CA ARG A 163 24.74 -19.04 -8.83
C ARG A 163 24.80 -17.68 -8.14
N GLN A 164 25.19 -17.63 -6.87
CA GLN A 164 25.00 -16.44 -6.06
C GLN A 164 26.19 -16.25 -5.13
N ILE A 165 26.34 -15.02 -4.63
CA ILE A 165 27.41 -14.65 -3.71
C ILE A 165 26.78 -14.14 -2.42
N CYS A 166 27.35 -14.54 -1.29
CA CYS A 166 26.94 -14.07 0.02
C CYS A 166 27.85 -12.91 0.41
N VAL A 167 27.24 -11.77 0.76
CA VAL A 167 27.99 -10.51 0.81
C VAL A 167 27.57 -9.71 2.05
N GLY A 168 28.57 -9.16 2.75
CA GLY A 168 28.31 -8.23 3.84
C GLY A 168 28.48 -8.82 5.23
N ASP A 169 29.36 -8.24 6.05
CA ASP A 169 29.52 -8.69 7.43
C ASP A 169 28.33 -8.23 8.25
N ARG A 170 27.73 -9.16 8.98
CA ARG A 170 26.61 -8.78 9.83
C ARG A 170 27.00 -7.66 10.80
N ARG A 171 28.24 -7.65 11.27
CA ARG A 171 28.64 -6.70 12.31
C ARG A 171 28.89 -5.29 11.79
N GLU A 172 28.81 -5.08 10.48
CA GLU A 172 28.93 -3.76 9.86
C GLU A 172 27.55 -3.32 9.40
N ARG A 173 27.15 -2.11 9.77
CA ARG A 173 25.87 -1.59 9.28
C ARG A 173 26.09 -0.99 7.89
N LYS A 174 26.31 -1.89 6.92
CA LYS A 174 26.59 -1.53 5.54
C LYS A 174 25.91 -2.54 4.62
N ALA A 175 25.13 -2.05 3.65
CA ALA A 175 24.41 -2.94 2.75
C ALA A 175 23.89 -2.16 1.56
N ALA A 176 23.52 -2.90 0.51
CA ALA A 176 22.65 -2.37 -0.52
C ALA A 176 21.22 -2.40 0.01
N PHE A 177 20.38 -1.50 -0.48
CA PHE A 177 19.01 -1.41 0.05
C PHE A 177 18.06 -1.06 -1.10
N LYS A 178 16.87 -0.56 -0.76
CA LYS A 178 15.76 -0.51 -1.71
C LYS A 178 16.05 0.47 -2.84
N GLY A 179 16.05 -0.03 -4.07
CA GLY A 179 16.41 0.76 -5.22
C GLY A 179 17.81 0.50 -5.74
N ASP A 180 18.62 -0.24 -4.98
CA ASP A 180 19.97 -0.61 -5.42
C ASP A 180 19.98 -1.91 -6.24
N SER A 181 18.87 -2.64 -6.30
CA SER A 181 18.82 -3.87 -7.09
C SER A 181 19.39 -3.66 -8.49
N GLY A 182 20.10 -4.67 -8.99
CA GLY A 182 20.61 -4.63 -10.34
C GLY A 182 21.96 -3.97 -10.48
N GLY A 183 22.41 -3.23 -9.46
CA GLY A 183 23.72 -2.59 -9.51
C GLY A 183 24.85 -3.59 -9.31
N PRO A 184 26.07 -3.19 -9.69
CA PRO A 184 27.20 -4.12 -9.68
C PRO A 184 27.89 -4.21 -8.34
N LEU A 185 28.40 -5.40 -8.06
CA LEU A 185 29.40 -5.62 -7.02
C LEU A 185 30.75 -5.60 -7.71
N LEU A 186 31.57 -4.62 -7.36
CA LEU A 186 32.83 -4.39 -8.05
C LEU A 186 33.98 -4.82 -7.16
N CYS A 187 34.81 -5.72 -7.68
CA CYS A 187 36.02 -6.17 -7.01
C CYS A 187 37.13 -6.10 -8.05
N ASN A 188 38.11 -5.21 -7.85
CA ASN A 188 39.20 -5.00 -8.79
C ASN A 188 38.73 -4.39 -10.11
N ASN A 189 37.70 -3.53 -10.06
CA ASN A 189 37.14 -2.87 -11.25
C ASN A 189 36.59 -3.87 -12.27
N VAL A 190 36.15 -5.03 -11.77
CA VAL A 190 35.45 -6.04 -12.54
C VAL A 190 34.12 -6.27 -11.83
N ALA A 191 33.04 -6.31 -12.60
CA ALA A 191 31.70 -6.54 -12.03
C ALA A 191 31.53 -8.03 -11.79
N HIS A 192 31.67 -8.45 -10.53
CA HIS A 192 31.50 -9.86 -10.15
C HIS A 192 30.07 -10.22 -9.76
N GLY A 193 29.29 -9.25 -9.29
CA GLY A 193 27.97 -9.57 -8.75
C GLY A 193 26.94 -8.53 -9.15
N ILE A 194 25.67 -8.89 -8.88
CA ILE A 194 24.51 -8.03 -9.14
C ILE A 194 23.68 -7.98 -7.86
N VAL A 195 23.36 -6.77 -7.38
CA VAL A 195 22.52 -6.66 -6.19
C VAL A 195 21.19 -7.39 -6.41
N SER A 196 20.82 -8.27 -5.48
CA SER A 196 19.59 -9.02 -5.72
C SER A 196 18.61 -8.94 -4.55
N TYR A 197 18.91 -9.58 -3.41
CA TYR A 197 17.97 -9.53 -2.30
C TYR A 197 18.67 -9.69 -0.97
N GLY A 198 17.91 -9.46 0.10
CA GLY A 198 18.36 -9.73 1.45
C GLY A 198 17.19 -9.80 2.42
N LYS A 199 17.47 -9.56 3.69
CA LYS A 199 16.41 -9.50 4.70
C LYS A 199 15.70 -8.15 4.63
N SER A 200 14.40 -8.16 4.94
CA SER A 200 13.63 -6.91 4.86
C SER A 200 14.21 -5.81 5.75
N SER A 201 14.89 -6.18 6.81
CA SER A 201 15.46 -5.16 7.70
C SER A 201 16.61 -4.40 7.04
N GLY A 202 17.32 -5.03 6.09
CA GLY A 202 18.56 -4.51 5.58
C GLY A 202 19.80 -5.00 6.31
N VAL A 203 19.62 -5.80 7.35
CA VAL A 203 20.77 -6.33 8.11
C VAL A 203 21.50 -7.37 7.26
N PRO A 204 22.81 -7.27 7.12
CA PRO A 204 23.57 -8.23 6.31
C PRO A 204 23.70 -9.58 7.00
N PRO A 205 24.07 -10.63 6.27
CA PRO A 205 24.49 -10.68 4.86
C PRO A 205 23.32 -10.64 3.88
N GLU A 206 23.63 -10.31 2.63
CA GLU A 206 22.65 -10.31 1.54
C GLU A 206 23.23 -11.10 0.37
N VAL A 207 22.42 -11.26 -0.66
CA VAL A 207 22.67 -12.21 -1.73
C VAL A 207 22.78 -11.43 -3.03
N PHE A 208 23.88 -11.64 -3.73
CA PHE A 208 24.13 -11.09 -5.06
C PHE A 208 24.10 -12.24 -6.06
N THR A 209 23.66 -11.93 -7.28
CA THR A 209 23.84 -12.88 -8.38
C THR A 209 25.31 -12.93 -8.78
N ARG A 210 25.81 -14.14 -9.02
CA ARG A 210 27.23 -14.35 -9.34
C ARG A 210 27.40 -14.27 -10.86
N VAL A 211 28.01 -13.19 -11.33
CA VAL A 211 28.04 -12.94 -12.77
C VAL A 211 28.78 -14.05 -13.51
N SER A 212 29.87 -14.57 -12.93
CA SER A 212 30.68 -15.53 -13.66
C SER A 212 29.91 -16.80 -14.00
N SER A 213 28.89 -17.14 -13.20
CA SER A 213 28.11 -18.35 -13.46
C SER A 213 27.20 -18.23 -14.68
N PHE A 214 26.94 -17.00 -15.13
CA PHE A 214 26.03 -16.74 -16.24
C PHE A 214 26.75 -16.21 -17.48
N LEU A 215 28.08 -16.23 -17.49
CA LEU A 215 28.81 -15.75 -18.67
C LEU A 215 28.40 -16.43 -19.97
N PRO A 216 28.19 -17.75 -20.03
CA PRO A 216 27.76 -18.32 -21.31
C PRO A 216 26.43 -17.75 -21.80
N TRP A 217 25.43 -17.63 -20.93
CA TRP A 217 24.15 -17.05 -21.34
C TRP A 217 24.32 -15.58 -21.71
N ILE A 218 25.16 -14.85 -20.98
CA ILE A 218 25.39 -13.43 -21.30
C ILE A 218 25.98 -13.30 -22.71
N ARG A 219 27.05 -14.05 -23.00
CA ARG A 219 27.67 -13.98 -24.32
C ARG A 219 26.73 -14.47 -25.42
N THR A 220 26.00 -15.55 -25.17
CA THR A 220 25.06 -16.03 -26.19
C THR A 220 24.00 -14.98 -26.48
N THR A 221 23.45 -14.37 -25.42
CA THR A 221 22.37 -13.41 -25.60
C THR A 221 22.84 -12.17 -26.34
N MET A 222 24.06 -11.72 -26.06
CA MET A 222 24.56 -10.52 -26.71
C MET A 222 25.07 -10.78 -28.13
N ARG A 223 25.09 -12.04 -28.57
CA ARG A 223 25.46 -12.40 -29.94
C ARG A 223 24.24 -12.69 -30.81
N ILE B 1 -23.97 3.31 -0.93
CA ILE B 1 -25.16 2.45 -0.91
C ILE B 1 -25.37 1.85 -2.30
N VAL B 2 -25.40 0.52 -2.37
CA VAL B 2 -25.67 -0.20 -3.61
C VAL B 2 -27.12 -0.64 -3.63
N GLY B 3 -27.80 -0.35 -4.73
CA GLY B 3 -29.17 -0.80 -4.90
C GLY B 3 -30.20 0.02 -4.15
N GLY B 4 -29.84 1.22 -3.70
CA GLY B 4 -30.73 2.07 -2.95
C GLY B 4 -31.47 3.03 -3.84
N ARG B 5 -32.01 4.08 -3.23
CA ARG B 5 -32.68 5.14 -3.96
C ARG B 5 -32.26 6.48 -3.35
N ARG B 6 -32.53 7.55 -4.08
CA ARG B 6 -32.29 8.88 -3.55
C ARG B 6 -33.22 9.17 -2.38
N ALA B 7 -32.66 9.68 -1.30
CA ALA B 7 -33.46 10.30 -0.27
C ALA B 7 -34.10 11.57 -0.81
N ARG B 8 -35.31 11.87 -0.34
CA ARG B 8 -35.85 13.19 -0.61
C ARG B 8 -35.03 14.21 0.17
N PRO B 9 -34.88 15.42 -0.35
CA PRO B 9 -33.96 16.38 0.26
C PRO B 9 -34.28 16.62 1.74
N HIS B 10 -33.24 16.48 2.58
CA HIS B 10 -33.32 16.79 4.00
C HIS B 10 -34.33 15.92 4.75
N ALA B 11 -34.57 14.71 4.24
CA ALA B 11 -35.44 13.79 4.97
C ALA B 11 -34.79 13.30 6.26
N TRP B 12 -33.47 13.35 6.36
CA TRP B 12 -32.73 12.80 7.49
C TRP B 12 -31.79 13.88 8.03
N PRO B 13 -32.34 14.87 8.73
CA PRO B 13 -31.53 16.07 9.05
C PRO B 13 -30.41 15.83 10.07
N PHE B 14 -30.31 14.63 10.65
CA PHE B 14 -29.22 14.24 11.52
C PHE B 14 -28.03 13.63 10.76
N MET B 15 -28.15 13.44 9.45
CA MET B 15 -27.10 12.82 8.64
C MET B 15 -25.92 13.76 8.39
N VAL B 16 -24.70 13.25 8.57
CA VAL B 16 -23.48 14.05 8.49
C VAL B 16 -22.51 13.44 7.48
N SER B 17 -21.80 14.31 6.74
CA SER B 17 -20.71 13.90 5.87
C SER B 17 -19.40 14.34 6.52
N LEU B 18 -18.48 13.40 6.74
CA LEU B 18 -17.11 13.72 7.13
C LEU B 18 -16.25 13.82 5.88
N GLN B 19 -15.44 14.87 5.80
CA GLN B 19 -14.75 15.22 4.57
C GLN B 19 -13.29 15.55 4.87
N LEU B 20 -12.41 15.08 4.00
CA LEU B 20 -10.97 15.30 4.03
C LEU B 20 -10.52 15.66 2.63
N ARG B 21 -9.61 16.62 2.50
CA ARG B 21 -9.06 16.98 1.19
C ARG B 21 -10.19 17.22 0.19
N GLY B 22 -11.26 17.84 0.66
CA GLY B 22 -12.42 18.13 -0.15
C GLY B 22 -13.38 16.97 -0.42
N GLY B 23 -13.08 15.77 0.03
CA GLY B 23 -13.87 14.60 -0.34
C GLY B 23 -14.53 13.91 0.85
N HIS B 24 -15.75 13.43 0.62
CA HIS B 24 -16.46 12.59 1.59
C HIS B 24 -15.73 11.26 1.76
N PHE B 25 -15.48 10.86 3.00
CA PHE B 25 -14.87 9.55 3.25
C PHE B 25 -15.64 8.67 4.22
N CYS B 26 -16.56 9.23 5.01
CA CYS B 26 -17.32 8.50 6.02
C CYS B 26 -18.56 9.31 6.36
N GLY B 27 -19.58 8.63 6.87
CA GLY B 27 -20.75 9.30 7.42
C GLY B 27 -20.64 9.47 8.93
N ALA B 28 -21.67 10.13 9.47
CA ALA B 28 -21.81 10.35 10.91
C ALA B 28 -23.24 10.75 11.20
N THR B 29 -23.55 10.86 12.49
CA THR B 29 -24.89 11.20 12.97
C THR B 29 -24.78 12.32 13.97
N LEU B 30 -25.55 13.40 13.78
CA LEU B 30 -25.62 14.43 14.80
C LEU B 30 -26.40 13.93 16.01
N ILE B 31 -25.75 13.84 17.17
CA ILE B 31 -26.40 13.35 18.40
C ILE B 31 -26.54 14.42 19.48
N ALA B 32 -25.96 15.59 19.28
CA ALA B 32 -26.19 16.75 20.14
C ALA B 32 -25.74 17.95 19.33
N PRO B 33 -26.09 19.17 19.74
CA PRO B 33 -25.70 20.33 18.94
C PRO B 33 -24.18 20.41 18.67
N ASN B 34 -23.34 19.89 19.56
CA ASN B 34 -21.90 19.98 19.37
C ASN B 34 -21.20 18.62 19.38
N PHE B 35 -21.89 17.53 19.06
CA PHE B 35 -21.30 16.18 19.06
C PHE B 35 -21.89 15.38 17.91
N VAL B 36 -21.01 14.70 17.16
CA VAL B 36 -21.46 13.72 16.18
C VAL B 36 -20.88 12.37 16.56
N MET B 37 -21.51 11.32 16.03
CA MET B 37 -21.18 9.94 16.34
C MET B 37 -20.87 9.23 15.02
N SER B 38 -19.76 8.49 14.99
CA SER B 38 -19.33 7.81 13.78
C SER B 38 -18.65 6.50 14.18
N ALA B 39 -18.01 5.84 13.21
CA ALA B 39 -17.23 4.63 13.45
C ALA B 39 -15.80 5.00 13.82
N ALA B 40 -15.24 4.30 14.81
CA ALA B 40 -13.86 4.56 15.22
C ALA B 40 -12.86 4.38 14.07
N HIS B 41 -13.07 3.37 13.21
CA HIS B 41 -12.08 3.13 12.18
C HIS B 41 -12.05 4.26 11.15
N CYS B 42 -13.12 5.06 11.07
CA CYS B 42 -13.14 6.21 10.15
C CYS B 42 -12.08 7.24 10.48
N VAL B 43 -11.75 7.42 11.75
CA VAL B 43 -10.79 8.43 12.16
C VAL B 43 -9.58 7.84 12.86
N ALA B 44 -9.50 6.52 13.00
CA ALA B 44 -8.38 5.94 13.72
C ALA B 44 -7.04 6.32 13.09
N ASN B 45 -7.00 6.49 11.77
CA ASN B 45 -5.73 6.70 11.08
C ASN B 45 -5.70 8.01 10.28
N VAL B 46 -6.56 8.97 10.58
CA VAL B 46 -6.56 10.24 9.85
C VAL B 46 -6.02 11.33 10.76
N ASN B 47 -5.60 12.44 10.15
CA ASN B 47 -5.27 13.66 10.90
C ASN B 47 -6.60 14.29 11.29
N VAL B 48 -6.98 14.12 12.56
CA VAL B 48 -8.27 14.60 13.04
C VAL B 48 -8.41 16.10 12.80
N ARG B 49 -7.30 16.85 12.90
CA ARG B 49 -7.37 18.29 12.67
C ARG B 49 -7.77 18.65 11.25
N ALA B 50 -7.62 17.74 10.29
CA ALA B 50 -7.98 18.05 8.91
C ALA B 50 -9.41 17.67 8.55
N VAL B 51 -10.19 17.09 9.46
CA VAL B 51 -11.51 16.62 9.11
C VAL B 51 -12.53 17.77 9.19
N ARG B 52 -13.36 17.88 8.17
CA ARG B 52 -14.49 18.80 8.18
C ARG B 52 -15.77 18.03 8.41
N VAL B 53 -16.61 18.56 9.29
CA VAL B 53 -17.87 17.92 9.67
C VAL B 53 -18.99 18.73 9.02
N VAL B 54 -19.70 18.14 8.06
CA VAL B 54 -20.66 18.86 7.23
C VAL B 54 -22.08 18.42 7.60
N LEU B 55 -22.84 19.37 8.16
CA LEU B 55 -24.23 19.15 8.54
C LEU B 55 -25.17 19.81 7.51
N GLY B 56 -26.37 19.27 7.38
CA GLY B 56 -27.39 19.88 6.54
C GLY B 56 -27.21 19.72 5.04
N ALA B 57 -26.50 18.67 4.60
CA ALA B 57 -26.19 18.44 3.19
C ALA B 57 -27.20 17.51 2.54
N HIS B 58 -27.32 17.60 1.21
CA HIS B 58 -28.09 16.61 0.46
C HIS B 58 -27.32 16.12 -0.76
N ASN B 59 -27.01 17.06 -1.66
CA ASN B 59 -26.20 16.79 -2.86
C ASN B 59 -24.81 17.37 -2.62
N LEU B 60 -23.83 16.49 -2.44
CA LEU B 60 -22.48 16.92 -2.10
C LEU B 60 -21.75 17.58 -3.26
N SER B 61 -22.18 17.32 -4.50
CA SER B 61 -21.56 17.91 -5.68
C SER B 61 -22.00 19.35 -5.91
N ARG B 62 -23.06 19.80 -5.23
CA ARG B 62 -23.60 21.14 -5.40
C ARG B 62 -23.26 22.01 -4.20
N ARG B 63 -23.27 23.32 -4.44
CA ARG B 63 -23.22 24.27 -3.35
C ARG B 63 -24.59 24.36 -2.70
N GLU B 64 -24.62 24.27 -1.37
CA GLU B 64 -25.88 24.19 -0.64
C GLU B 64 -25.84 25.18 0.51
N PRO B 65 -26.73 26.18 0.54
CA PRO B 65 -26.72 27.14 1.65
C PRO B 65 -27.21 26.57 2.96
N THR B 66 -27.89 25.42 2.94
CA THR B 66 -28.36 24.75 4.15
C THR B 66 -27.23 24.14 4.98
N ARG B 67 -26.00 24.09 4.46
CA ARG B 67 -24.94 23.38 5.14
C ARG B 67 -24.37 24.19 6.29
N GLN B 68 -24.01 23.51 7.36
CA GLN B 68 -23.24 24.08 8.46
C GLN B 68 -22.00 23.22 8.62
N VAL B 69 -20.82 23.83 8.59
CA VAL B 69 -19.57 23.08 8.58
C VAL B 69 -18.82 23.37 9.88
N PHE B 70 -18.25 22.32 10.47
CA PHE B 70 -17.50 22.45 11.71
C PHE B 70 -16.19 21.68 11.61
N ALA B 71 -15.32 21.92 12.58
CA ALA B 71 -14.10 21.15 12.80
C ALA B 71 -14.28 20.28 14.04
N VAL B 72 -13.36 19.34 14.21
CA VAL B 72 -13.38 18.43 15.34
C VAL B 72 -12.52 18.98 16.45
N GLN B 73 -13.11 19.19 17.63
CA GLN B 73 -12.34 19.73 18.74
C GLN B 73 -11.65 18.64 19.56
N ARG B 74 -12.32 17.50 19.77
CA ARG B 74 -11.81 16.41 20.59
C ARG B 74 -12.50 15.12 20.15
N ILE B 75 -11.83 13.98 20.33
CA ILE B 75 -12.51 12.71 20.03
C ILE B 75 -12.56 11.85 21.28
N PHE B 76 -13.60 11.02 21.36
CA PHE B 76 -13.85 10.12 22.48
C PHE B 76 -14.05 8.73 21.90
N GLU B 77 -13.27 7.76 22.36
CA GLU B 77 -13.48 6.39 21.93
C GLU B 77 -13.84 5.53 23.14
N ASN B 78 -14.33 4.33 22.85
CA ASN B 78 -14.87 3.46 23.89
C ASN B 78 -14.31 2.03 23.73
N GLY B 79 -12.99 1.92 23.74
CA GLY B 79 -12.34 0.61 23.71
C GLY B 79 -12.26 -0.02 22.34
N TYR B 80 -12.07 0.77 21.29
CA TYR B 80 -12.04 0.26 19.93
C TYR B 80 -10.90 -0.75 19.75
N ASP B 81 -11.23 -1.89 19.16
CA ASP B 81 -10.29 -2.97 18.86
C ASP B 81 -10.19 -3.12 17.35
N PRO B 82 -9.13 -2.59 16.71
CA PRO B 82 -9.06 -2.68 15.24
C PRO B 82 -8.69 -4.06 14.70
N VAL B 83 -8.15 -4.97 15.50
CA VAL B 83 -7.93 -6.32 15.02
C VAL B 83 -9.27 -7.03 14.79
N ASN B 84 -10.16 -6.98 15.78
CA ASN B 84 -11.42 -7.72 15.76
C ASN B 84 -12.62 -6.87 15.38
N LEU B 85 -12.41 -5.57 15.10
CA LEU B 85 -13.48 -4.63 14.79
C LEU B 85 -14.60 -4.69 15.84
N LEU B 86 -14.21 -4.60 17.10
CA LEU B 86 -15.13 -4.49 18.22
C LEU B 86 -15.16 -3.07 18.76
N ASN B 87 -16.33 -2.66 19.27
CA ASN B 87 -16.52 -1.31 19.84
C ASN B 87 -16.17 -0.23 18.82
N ASP B 88 -16.73 -0.36 17.62
CA ASP B 88 -16.36 0.50 16.49
C ASP B 88 -17.21 1.77 16.49
N ILE B 89 -16.97 2.61 17.49
CA ILE B 89 -17.77 3.81 17.71
C ILE B 89 -16.85 4.91 18.21
N VAL B 90 -17.09 6.12 17.74
CA VAL B 90 -16.34 7.29 18.21
C VAL B 90 -17.32 8.45 18.32
N ILE B 91 -17.08 9.34 19.27
CA ILE B 91 -17.78 10.60 19.35
C ILE B 91 -16.79 11.71 19.09
N LEU B 92 -17.16 12.63 18.21
CA LEU B 92 -16.36 13.79 17.84
C LEU B 92 -17.07 15.01 18.38
N GLN B 93 -16.39 15.74 19.27
CA GLN B 93 -16.93 17.00 19.77
C GLN B 93 -16.56 18.09 18.79
N LEU B 94 -17.57 18.84 18.36
CA LEU B 94 -17.35 19.88 17.37
C LEU B 94 -16.77 21.13 18.02
N ASN B 95 -16.17 21.99 17.19
CA ASN B 95 -15.62 23.27 17.66
C ASN B 95 -16.70 24.33 17.87
N GLY B 96 -17.96 23.97 17.74
CA GLY B 96 -19.04 24.90 17.98
C GLY B 96 -20.32 24.10 18.08
N SER B 97 -21.44 24.82 18.15
CA SER B 97 -22.74 24.18 18.23
C SER B 97 -23.54 24.46 16.97
N ALA B 98 -24.18 23.42 16.46
CA ALA B 98 -25.07 23.54 15.31
C ALA B 98 -26.30 24.37 15.64
N THR B 99 -26.77 25.12 14.63
CA THR B 99 -28.06 25.80 14.67
C THR B 99 -29.13 24.82 14.22
N ILE B 100 -30.06 24.51 15.11
CA ILE B 100 -31.08 23.50 14.85
C ILE B 100 -32.19 24.14 14.01
N ASN B 101 -32.59 23.45 12.93
CA ASN B 101 -33.66 23.97 12.07
C ASN B 101 -34.28 22.78 11.34
N ALA B 102 -35.05 23.04 10.29
CA ALA B 102 -35.66 21.94 9.54
C ALA B 102 -34.62 21.04 8.87
N ASN B 103 -33.48 21.60 8.50
CA ASN B 103 -32.47 20.82 7.77
C ASN B 103 -31.39 20.22 8.67
N VAL B 104 -31.30 20.61 9.93
CA VAL B 104 -30.24 20.16 10.83
C VAL B 104 -30.89 19.89 12.18
N GLN B 105 -30.96 18.61 12.58
CA GLN B 105 -31.63 18.19 13.80
C GLN B 105 -30.84 17.05 14.41
N VAL B 106 -31.05 16.84 15.69
CA VAL B 106 -30.36 15.80 16.43
C VAL B 106 -31.14 14.50 16.31
N ALA B 107 -30.41 13.38 16.21
CA ALA B 107 -31.05 12.08 16.10
C ALA B 107 -31.53 11.57 17.47
N GLN B 108 -32.45 10.60 17.44
CA GLN B 108 -32.94 9.92 18.64
C GLN B 108 -32.26 8.57 18.81
N LEU B 109 -31.78 8.30 20.00
CA LEU B 109 -31.06 7.09 20.36
C LEU B 109 -31.95 6.12 21.14
N PRO B 110 -31.63 4.82 21.11
CA PRO B 110 -32.39 3.85 21.90
C PRO B 110 -31.91 3.82 23.36
N ALA B 111 -32.65 3.05 24.17
CA ALA B 111 -32.26 2.82 25.56
C ALA B 111 -31.10 1.83 25.63
N GLN B 112 -30.28 1.98 26.67
CA GLN B 112 -29.15 1.09 26.89
C GLN B 112 -29.55 -0.38 26.85
N GLY B 113 -28.83 -1.16 26.03
CA GLY B 113 -28.94 -2.61 26.04
C GLY B 113 -30.03 -3.20 25.16
N ARG B 114 -30.88 -2.37 24.55
CA ARG B 114 -31.96 -2.89 23.73
C ARG B 114 -31.41 -3.62 22.52
N ARG B 115 -31.84 -4.87 22.34
CA ARG B 115 -31.45 -5.67 21.20
C ARG B 115 -32.60 -5.76 20.21
N LEU B 116 -32.25 -5.86 18.93
CA LEU B 116 -33.22 -6.02 17.86
C LEU B 116 -33.27 -7.49 17.44
N GLY B 117 -34.49 -7.99 17.23
CA GLY B 117 -34.65 -9.36 16.81
C GLY B 117 -34.63 -9.51 15.29
N ASN B 118 -34.50 -10.76 14.87
CA ASN B 118 -34.54 -11.11 13.44
C ASN B 118 -35.77 -10.52 12.79
N GLY B 119 -35.57 -9.86 11.66
CA GLY B 119 -36.69 -9.44 10.82
C GLY B 119 -37.13 -8.00 10.97
N VAL B 120 -36.64 -7.27 11.97
CA VAL B 120 -36.99 -5.86 12.13
C VAL B 120 -36.65 -5.12 10.84
N GLN B 121 -37.55 -4.24 10.40
CA GLN B 121 -37.39 -3.50 9.15
C GLN B 121 -36.74 -2.15 9.44
N CYS B 122 -35.60 -1.87 8.81
CA CYS B 122 -34.80 -0.68 9.08
C CYS B 122 -34.46 0.06 7.79
N LEU B 123 -33.77 1.19 7.95
CA LEU B 123 -33.35 2.02 6.83
C LEU B 123 -31.87 2.38 7.00
N ALA B 124 -31.05 1.97 6.03
CA ALA B 124 -29.66 2.39 5.90
C ALA B 124 -29.56 3.59 4.96
N MET B 125 -28.47 4.34 5.05
CA MET B 125 -28.33 5.52 4.22
C MET B 125 -26.86 5.94 4.17
N GLY B 126 -26.53 6.76 3.19
CA GLY B 126 -25.15 7.22 3.06
C GLY B 126 -24.84 7.77 1.69
N TRP B 127 -23.63 8.34 1.59
CA TRP B 127 -23.07 8.87 0.37
C TRP B 127 -21.98 7.97 -0.22
N GLY B 128 -21.96 6.68 0.12
CA GLY B 128 -20.91 5.81 -0.35
C GLY B 128 -21.02 5.44 -1.83
N LEU B 129 -20.09 4.59 -2.28
CA LEU B 129 -20.08 4.14 -3.67
C LEU B 129 -21.43 3.56 -4.05
N LEU B 130 -21.86 3.88 -5.27
CA LEU B 130 -23.08 3.31 -5.85
C LEU B 130 -22.86 1.93 -6.44
N GLY B 131 -21.61 1.51 -6.57
CA GLY B 131 -21.27 0.25 -7.20
C GLY B 131 -19.77 0.22 -7.44
N ARG B 132 -19.32 -0.93 -7.95
CA ARG B 132 -17.91 -1.17 -8.19
C ARG B 132 -17.43 -0.64 -9.54
N ASN B 133 -18.31 0.01 -10.30
CA ASN B 133 -17.91 0.75 -11.50
C ASN B 133 -18.60 2.11 -11.61
N ARG B 134 -19.59 2.39 -10.77
CA ARG B 134 -20.45 3.56 -10.94
C ARG B 134 -20.00 4.78 -10.13
N GLY B 135 -19.25 4.59 -9.04
CA GLY B 135 -18.63 5.71 -8.35
C GLY B 135 -19.42 6.17 -7.12
N ILE B 136 -18.88 7.21 -6.48
CA ILE B 136 -19.43 7.70 -5.21
C ILE B 136 -20.70 8.51 -5.47
N ALA B 137 -21.65 8.41 -4.52
CA ALA B 137 -22.93 9.09 -4.68
C ALA B 137 -22.79 10.57 -4.40
N SER B 138 -23.38 11.40 -5.27
CA SER B 138 -23.50 12.82 -4.94
C SER B 138 -24.72 13.13 -4.07
N VAL B 139 -25.86 12.51 -4.36
CA VAL B 139 -27.08 12.71 -3.58
C VAL B 139 -27.17 11.59 -2.55
N LEU B 140 -27.56 11.95 -1.32
CA LEU B 140 -27.78 10.99 -0.25
C LEU B 140 -28.71 9.87 -0.72
N GLN B 141 -28.30 8.63 -0.46
CA GLN B 141 -29.05 7.45 -0.84
C GLN B 141 -29.65 6.81 0.41
N GLU B 142 -30.74 6.05 0.23
CA GLU B 142 -31.33 5.30 1.32
C GLU B 142 -31.75 3.93 0.82
N LEU B 143 -31.91 2.99 1.75
CA LEU B 143 -32.09 1.59 1.38
C LEU B 143 -32.80 0.85 2.49
N ASN B 144 -33.91 0.19 2.15
CA ASN B 144 -34.62 -0.67 3.09
C ASN B 144 -33.85 -1.95 3.35
N VAL B 145 -33.60 -2.28 4.62
CA VAL B 145 -32.91 -3.51 4.99
C VAL B 145 -33.63 -4.19 6.15
N THR B 146 -33.22 -5.44 6.42
CA THR B 146 -33.79 -6.25 7.50
C THR B 146 -32.71 -6.72 8.45
N VAL B 147 -32.93 -6.58 9.76
CA VAL B 147 -32.02 -7.13 10.75
C VAL B 147 -32.01 -8.65 10.66
N VAL B 148 -30.81 -9.25 10.65
CA VAL B 148 -30.64 -10.69 10.68
C VAL B 148 -29.63 -11.05 11.75
N THR B 149 -29.73 -12.29 12.25
CA THR B 149 -28.74 -12.78 13.20
C THR B 149 -27.87 -13.93 12.69
N SER B 150 -28.21 -14.53 11.55
CA SER B 150 -27.35 -15.58 10.99
C SER B 150 -26.20 -14.95 10.21
N LEU B 151 -25.01 -15.53 10.35
CA LEU B 151 -23.77 -15.00 9.77
C LEU B 151 -23.44 -13.61 10.33
N CYS B 152 -23.83 -13.35 11.58
CA CYS B 152 -23.55 -12.10 12.28
C CYS B 152 -22.98 -12.43 13.65
N ARG B 153 -22.04 -11.63 14.11
CA ARG B 153 -21.59 -11.76 15.47
C ARG B 153 -22.61 -11.17 16.43
N ARG B 154 -22.63 -11.69 17.66
CA ARG B 154 -23.50 -11.11 18.67
C ARG B 154 -23.08 -9.69 19.04
N SER B 155 -21.83 -9.31 18.77
CA SER B 155 -21.36 -7.96 19.08
C SER B 155 -21.65 -6.94 17.97
N ASN B 156 -22.47 -7.30 16.99
CA ASN B 156 -22.88 -6.38 15.92
C ASN B 156 -24.38 -6.44 15.75
N VAL B 157 -24.93 -5.38 15.16
CA VAL B 157 -26.24 -5.45 14.50
C VAL B 157 -25.99 -5.66 13.02
N CYS B 158 -26.58 -6.70 12.44
CA CYS B 158 -26.35 -6.99 11.03
C CYS B 158 -27.65 -6.90 10.25
N THR B 159 -27.52 -6.48 8.99
CA THR B 159 -28.68 -6.28 8.14
C THR B 159 -28.43 -6.87 6.76
N LEU B 160 -29.54 -7.13 6.06
CA LEU B 160 -29.46 -7.78 4.76
C LEU B 160 -30.64 -7.32 3.90
N VAL B 161 -30.40 -7.24 2.60
CA VAL B 161 -31.45 -7.03 1.62
C VAL B 161 -31.68 -8.38 0.96
N ARG B 162 -32.72 -9.09 1.40
CA ARG B 162 -32.95 -10.45 0.88
C ARG B 162 -33.64 -10.39 -0.48
N GLY B 163 -33.15 -11.22 -1.40
CA GLY B 163 -33.77 -11.34 -2.71
C GLY B 163 -33.12 -10.56 -3.83
N ARG B 164 -32.10 -9.76 -3.53
CA ARG B 164 -31.34 -9.06 -4.56
C ARG B 164 -30.03 -8.61 -3.93
N GLN B 165 -29.12 -8.13 -4.78
CA GLN B 165 -27.77 -7.77 -4.33
C GLN B 165 -27.77 -6.27 -4.06
N ALA B 166 -27.78 -5.90 -2.77
CA ALA B 166 -27.83 -4.51 -2.36
C ALA B 166 -27.33 -4.42 -0.92
N GLY B 167 -26.77 -3.28 -0.56
CA GLY B 167 -26.21 -3.08 0.76
C GLY B 167 -25.38 -1.82 0.82
N VAL B 168 -24.75 -1.60 1.98
CA VAL B 168 -23.88 -0.44 2.14
C VAL B 168 -22.55 -0.70 1.43
N CYS B 169 -21.86 0.37 1.07
CA CYS B 169 -20.60 0.22 0.35
C CYS B 169 -19.57 1.22 0.88
N PHE B 170 -18.40 1.28 0.25
CA PHE B 170 -17.30 2.04 0.82
C PHE B 170 -17.65 3.53 0.80
N GLY B 171 -17.41 4.21 1.93
CA GLY B 171 -17.87 5.56 2.11
C GLY B 171 -19.12 5.66 2.97
N ASP B 172 -19.80 4.54 3.22
CA ASP B 172 -20.96 4.49 4.10
C ASP B 172 -20.58 4.20 5.55
N SER B 173 -19.35 3.74 5.83
CA SER B 173 -18.87 3.64 7.20
C SER B 173 -19.29 4.87 8.01
N GLY B 174 -19.71 4.63 9.25
CA GLY B 174 -20.10 5.71 10.15
C GLY B 174 -21.55 6.16 9.98
N SER B 175 -22.23 5.77 8.91
CA SER B 175 -23.58 6.22 8.69
C SER B 175 -24.54 5.50 9.62
N PRO B 176 -25.69 6.11 9.90
CA PRO B 176 -26.62 5.52 10.86
C PRO B 176 -27.51 4.49 10.21
N LEU B 177 -27.98 3.59 11.05
CA LEU B 177 -29.02 2.64 10.71
C LEU B 177 -30.24 3.02 11.55
N VAL B 178 -31.36 3.29 10.88
CA VAL B 178 -32.56 3.80 11.54
C VAL B 178 -33.60 2.70 11.62
N CYS B 179 -34.05 2.39 12.83
CA CYS B 179 -35.03 1.34 13.05
C CYS B 179 -36.08 1.86 14.02
N ASN B 180 -37.33 1.92 13.58
CA ASN B 180 -38.43 2.49 14.38
C ASN B 180 -38.08 3.89 14.86
N GLY B 181 -37.41 4.67 14.00
CA GLY B 181 -37.13 6.06 14.31
C GLY B 181 -35.90 6.30 15.17
N LEU B 182 -35.19 5.25 15.59
CA LEU B 182 -34.05 5.38 16.49
C LEU B 182 -32.79 4.87 15.82
N ILE B 183 -31.65 5.50 16.14
CA ILE B 183 -30.38 5.09 15.56
C ILE B 183 -29.91 3.85 16.31
N HIS B 184 -30.04 2.68 15.70
CA HIS B 184 -29.57 1.45 16.32
C HIS B 184 -28.21 0.98 15.82
N GLY B 185 -27.66 1.57 14.77
CA GLY B 185 -26.42 1.05 14.22
C GLY B 185 -25.59 2.14 13.60
N ILE B 186 -24.28 1.92 13.58
CA ILE B 186 -23.30 2.73 12.85
C ILE B 186 -22.57 1.80 11.89
N ALA B 187 -22.65 2.08 10.60
CA ALA B 187 -22.07 1.17 9.61
C ALA B 187 -20.59 0.95 9.89
N SER B 188 -20.17 -0.32 9.89
CA SER B 188 -18.84 -0.72 10.33
C SER B 188 -18.11 -1.49 9.23
N PHE B 189 -18.57 -2.69 8.86
CA PHE B 189 -17.82 -3.44 7.85
C PHE B 189 -18.71 -4.35 7.00
N VAL B 190 -18.24 -4.61 5.78
CA VAL B 190 -18.91 -5.51 4.86
C VAL B 190 -18.05 -6.77 4.72
N ARG B 191 -18.65 -7.83 4.19
CA ARG B 191 -17.99 -9.14 4.09
C ARG B 191 -17.94 -9.61 2.64
N GLY B 192 -16.73 -9.89 2.14
CA GLY B 192 -16.47 -10.36 0.79
C GLY B 192 -16.49 -9.28 -0.27
N GLY B 193 -17.29 -8.26 -0.06
CA GLY B 193 -17.58 -7.25 -1.06
C GLY B 193 -18.90 -6.59 -0.72
N CYS B 194 -19.18 -5.49 -1.40
CA CYS B 194 -20.46 -4.82 -1.21
C CYS B 194 -21.57 -5.64 -1.85
N ALA B 195 -22.74 -5.67 -1.20
CA ALA B 195 -23.93 -6.25 -1.82
C ALA B 195 -23.68 -7.67 -2.32
N SER B 196 -23.10 -8.50 -1.45
CA SER B 196 -22.84 -9.88 -1.86
C SER B 196 -24.13 -10.67 -2.03
N GLY B 197 -25.16 -10.34 -1.27
CA GLY B 197 -26.38 -11.12 -1.24
C GLY B 197 -26.35 -12.29 -0.27
N LEU B 198 -25.20 -12.63 0.29
CA LEU B 198 -25.08 -13.72 1.25
C LEU B 198 -24.76 -13.18 2.64
N TYR B 199 -23.68 -12.44 2.78
CA TYR B 199 -23.22 -12.01 4.09
C TYR B 199 -23.87 -10.69 4.47
N PRO B 200 -24.37 -10.57 5.69
CA PRO B 200 -25.00 -9.32 6.10
C PRO B 200 -23.95 -8.22 6.33
N ASP B 201 -24.39 -6.97 6.20
CA ASP B 201 -23.56 -5.84 6.58
C ASP B 201 -23.56 -5.69 8.10
N ALA B 202 -22.42 -5.33 8.66
CA ALA B 202 -22.25 -5.24 10.10
C ALA B 202 -22.22 -3.79 10.57
N PHE B 203 -23.07 -3.48 11.56
CA PHE B 203 -23.11 -2.18 12.22
C PHE B 203 -22.64 -2.32 13.66
N ALA B 204 -21.96 -1.28 14.15
CA ALA B 204 -21.72 -1.17 15.58
C ALA B 204 -23.05 -1.01 16.32
N PRO B 205 -23.27 -1.74 17.40
CA PRO B 205 -24.62 -1.73 18.02
C PRO B 205 -24.81 -0.58 19.00
N VAL B 206 -25.42 0.52 18.54
CA VAL B 206 -25.48 1.75 19.32
C VAL B 206 -26.08 1.51 20.70
N ALA B 207 -27.15 0.72 20.77
CA ALA B 207 -27.81 0.48 22.05
C ALA B 207 -26.87 -0.06 23.12
N GLN B 208 -25.79 -0.74 22.73
CA GLN B 208 -24.84 -1.24 23.72
C GLN B 208 -24.01 -0.12 24.35
N PHE B 209 -23.90 1.04 23.71
CA PHE B 209 -23.01 2.10 24.19
C PHE B 209 -23.76 3.32 24.69
N VAL B 210 -25.07 3.21 24.95
CA VAL B 210 -25.89 4.39 25.22
C VAL B 210 -25.48 5.06 26.52
N ASN B 211 -25.15 4.29 27.55
CA ASN B 211 -24.74 4.89 28.81
C ASN B 211 -23.42 5.63 28.64
N TRP B 212 -22.49 5.06 27.89
CA TRP B 212 -21.25 5.77 27.59
C TRP B 212 -21.51 7.02 26.77
N ILE B 213 -22.32 6.90 25.71
CA ILE B 213 -22.63 8.07 24.88
C ILE B 213 -23.19 9.20 25.75
N ASP B 214 -24.16 8.87 26.61
CA ASP B 214 -24.73 9.85 27.54
C ASP B 214 -23.65 10.44 28.44
N SER B 215 -22.71 9.62 28.91
CA SER B 215 -21.67 10.16 29.77
C SER B 215 -20.82 11.18 29.04
N ILE B 216 -20.70 11.05 27.71
CA ILE B 216 -19.86 11.97 26.94
C ILE B 216 -20.63 13.24 26.62
N ILE B 217 -21.79 13.11 25.99
CA ILE B 217 -22.54 14.33 25.66
C ILE B 217 -23.14 14.95 26.91
N GLN B 218 -23.21 14.20 28.01
CA GLN B 218 -23.52 14.68 29.37
C GLN B 218 -24.97 15.08 29.54
N THR C 3 -0.65 9.41 -10.94
CA THR C 3 -0.06 10.61 -10.35
C THR C 3 0.19 10.37 -8.85
N TYR C 4 -0.70 9.61 -8.22
CA TYR C 4 -0.54 9.22 -6.83
C TYR C 4 0.19 7.88 -6.75
N GLN C 5 1.18 7.82 -5.88
CA GLN C 5 1.99 6.62 -5.71
C GLN C 5 2.25 6.35 -4.23
N VAL C 6 2.36 5.06 -3.90
CA VAL C 6 2.61 4.62 -2.54
C VAL C 6 3.66 3.52 -2.60
N PRO C 7 4.80 3.68 -1.94
CA PRO C 7 5.81 2.61 -1.95
C PRO C 7 5.32 1.39 -1.20
N TYR C 8 5.71 0.21 -1.70
CA TYR C 8 5.42 -1.02 -1.00
C TYR C 8 6.63 -1.92 -1.08
N SER C 9 6.73 -2.86 -0.16
CA SER C 9 7.74 -3.90 -0.24
C SER C 9 7.11 -5.23 0.10
N ILE C 10 7.66 -6.29 -0.46
CA ILE C 10 7.22 -7.65 -0.16
C ILE C 10 8.30 -8.36 0.64
N ASN C 11 7.91 -8.95 1.77
CA ASN C 11 8.76 -9.85 2.55
C ASN C 11 8.15 -11.25 2.44
N LEU C 12 8.82 -12.14 1.71
CA LEU C 12 8.34 -13.50 1.48
C LEU C 12 9.32 -14.51 2.06
N ASN C 13 8.83 -15.36 2.99
CA ASN C 13 9.66 -16.36 3.67
C ASN C 13 10.97 -15.74 4.14
N GLY C 14 10.92 -14.50 4.66
CA GLY C 14 12.12 -13.85 5.12
C GLY C 14 13.06 -13.33 4.04
N THR C 15 12.59 -13.15 2.81
CA THR C 15 13.42 -12.56 1.75
C THR C 15 12.72 -11.36 1.14
N SER C 16 13.50 -10.34 0.77
CA SER C 16 12.99 -9.13 0.15
C SER C 16 13.99 -8.64 -0.89
N THR C 17 13.53 -8.46 -2.12
CA THR C 17 14.42 -7.95 -3.18
C THR C 17 14.73 -6.47 -2.92
N ASN C 18 15.84 -5.99 -3.52
CA ASN C 18 16.28 -4.63 -3.26
C ASN C 18 15.72 -3.63 -4.27
N ILE C 19 14.55 -3.88 -4.79
CA ILE C 19 13.90 -2.98 -5.75
C ILE C 19 13.16 -1.91 -4.97
N LEU C 20 13.00 -0.72 -5.57
CA LEU C 20 12.14 0.32 -5.01
C LEU C 20 10.87 0.37 -5.83
N SER C 21 9.76 -0.11 -5.27
CA SER C 21 8.51 -0.27 -6.00
C SER C 21 7.38 0.56 -5.41
N ASN C 22 6.44 0.95 -6.27
CA ASN C 22 5.30 1.78 -5.88
C ASN C 22 4.03 1.29 -6.56
N LEU C 23 2.92 1.41 -5.84
CA LEU C 23 1.59 1.24 -6.41
C LEU C 23 1.15 2.57 -6.97
N SER C 24 0.62 2.57 -8.20
CA SER C 24 0.07 3.78 -8.78
C SER C 24 -1.43 3.84 -8.52
N PHE C 25 -1.90 5.03 -8.15
CA PHE C 25 -3.32 5.30 -8.04
C PHE C 25 -3.79 6.30 -9.10
N SER C 26 -2.92 6.61 -10.06
CA SER C 26 -3.24 7.38 -11.27
C SER C 26 -3.87 8.70 -10.86
N ASN C 27 -5.08 9.03 -11.31
CA ASN C 27 -5.77 10.25 -10.94
C ASN C 27 -6.87 10.02 -9.91
N LYS C 28 -6.94 8.81 -9.34
CA LYS C 28 -8.01 8.41 -8.42
C LYS C 28 -7.40 8.14 -7.05
N PRO C 29 -7.21 9.19 -6.23
CA PRO C 29 -6.54 8.99 -4.93
C PRO C 29 -7.42 8.34 -3.87
N TRP C 30 -8.73 8.30 -4.05
CA TRP C 30 -9.61 7.74 -3.04
C TRP C 30 -9.73 6.24 -3.26
N THR C 31 -9.31 5.45 -2.28
CA THR C 31 -9.43 4.01 -2.44
C THR C 31 -10.12 3.38 -1.24
N ASN C 32 -10.10 2.06 -1.18
CA ASN C 32 -10.78 1.35 -0.10
C ASN C 32 -10.02 0.06 0.11
N TYR C 33 -10.33 -0.65 1.20
CA TYR C 33 -9.52 -1.81 1.53
C TYR C 33 -9.81 -3.03 0.67
N LYS C 34 -10.99 -3.11 0.05
CA LYS C 34 -11.20 -4.20 -0.91
C LYS C 34 -10.30 -4.01 -2.14
N ASN C 35 -10.34 -2.81 -2.72
CA ASN C 35 -9.47 -2.53 -3.87
C ASN C 35 -8.01 -2.66 -3.50
N LEU C 36 -7.63 -2.20 -2.31
CA LEU C 36 -6.22 -2.25 -1.92
C LEU C 36 -5.75 -3.68 -1.73
N THR C 37 -6.58 -4.53 -1.10
CA THR C 37 -6.21 -5.93 -0.96
C THR C 37 -6.08 -6.60 -2.32
N SER C 38 -6.94 -6.22 -3.26
CA SER C 38 -6.84 -6.73 -4.62
C SER C 38 -5.53 -6.32 -5.28
N GLN C 39 -5.12 -5.05 -5.12
CA GLN C 39 -3.85 -4.62 -5.72
C GLN C 39 -2.66 -5.26 -5.03
N ILE C 40 -2.74 -5.50 -3.72
CA ILE C 40 -1.65 -6.16 -3.01
C ILE C 40 -1.50 -7.61 -3.50
N LYS C 41 -2.63 -8.30 -3.73
CA LYS C 41 -2.54 -9.67 -4.24
C LYS C 41 -1.99 -9.71 -5.67
N SER C 42 -2.25 -8.67 -6.45
CA SER C 42 -1.74 -8.65 -7.81
C SER C 42 -0.23 -8.43 -7.84
N VAL C 43 0.30 -7.52 -6.99
CA VAL C 43 1.75 -7.36 -7.00
C VAL C 43 2.42 -8.56 -6.36
N LEU C 44 1.76 -9.23 -5.41
CA LEU C 44 2.32 -10.47 -4.88
C LEU C 44 2.45 -11.52 -5.98
N LYS C 45 1.44 -11.62 -6.84
CA LYS C 45 1.52 -12.58 -7.94
C LYS C 45 2.54 -12.12 -8.98
N HIS C 46 2.55 -10.83 -9.30
CA HIS C 46 3.39 -10.32 -10.39
C HIS C 46 4.86 -10.20 -10.00
N ASP C 47 5.16 -9.85 -8.74
CA ASP C 47 6.55 -9.66 -8.33
C ASP C 47 7.19 -10.94 -7.81
N ARG C 48 6.44 -11.76 -7.04
CA ARG C 48 7.04 -12.94 -6.45
C ARG C 48 6.30 -14.23 -6.79
N GLY C 49 5.42 -14.24 -7.78
CA GLY C 49 4.78 -15.48 -8.19
C GLY C 49 3.93 -16.14 -7.13
N ILE C 50 3.40 -15.37 -6.17
CA ILE C 50 2.58 -15.89 -5.08
C ILE C 50 1.12 -15.86 -5.51
N SER C 51 0.44 -17.00 -5.39
CA SER C 51 -0.91 -17.15 -5.91
C SER C 51 -1.94 -17.11 -4.77
N GLU C 52 -3.22 -17.15 -5.15
CA GLU C 52 -4.28 -17.17 -4.15
C GLU C 52 -4.18 -18.41 -3.26
N GLN C 53 -3.92 -19.57 -3.86
CA GLN C 53 -3.76 -20.81 -3.09
C GLN C 53 -2.60 -20.69 -2.12
N ASP C 54 -1.45 -20.23 -2.62
CA ASP C 54 -0.30 -19.95 -1.75
C ASP C 54 -0.74 -19.16 -0.52
N LEU C 55 -1.47 -18.07 -0.73
CA LEU C 55 -1.91 -17.25 0.40
C LEU C 55 -2.89 -17.99 1.30
N LYS C 56 -3.83 -18.71 0.69
CA LYS C 56 -4.83 -19.47 1.45
C LYS C 56 -4.17 -20.39 2.47
N TYR C 57 -3.07 -21.05 2.09
CA TYR C 57 -2.41 -22.02 2.97
C TYR C 57 -1.16 -21.47 3.64
N ALA C 58 -0.90 -20.17 3.54
CA ALA C 58 0.30 -19.63 4.15
C ALA C 58 0.18 -19.61 5.67
N LYS C 59 1.33 -19.74 6.33
CA LYS C 59 1.39 -19.60 7.78
C LYS C 59 0.88 -18.23 8.21
N LYS C 60 1.48 -17.16 7.69
CA LYS C 60 1.02 -15.80 7.91
C LYS C 60 0.95 -15.08 6.58
N ALA C 61 -0.02 -14.16 6.47
CA ALA C 61 -0.24 -13.44 5.21
C ALA C 61 -0.99 -12.16 5.55
N TYR C 62 -0.27 -11.04 5.59
CA TYR C 62 -0.91 -9.79 5.93
C TYR C 62 -0.12 -8.65 5.34
N TYR C 63 -0.72 -7.47 5.35
CA TYR C 63 0.05 -6.28 5.02
C TYR C 63 -0.26 -5.20 6.03
N THR C 64 0.73 -4.35 6.25
CA THR C 64 0.68 -3.24 7.18
C THR C 64 0.70 -1.96 6.36
N VAL C 65 -0.32 -1.14 6.53
CA VAL C 65 -0.35 0.19 5.95
C VAL C 65 0.19 1.16 6.99
N TYR C 66 1.27 1.85 6.65
CA TYR C 66 1.83 2.90 7.48
C TYR C 66 1.31 4.25 7.00
N PHE C 67 0.66 4.98 7.90
CA PHE C 67 0.09 6.28 7.58
C PHE C 67 1.09 7.37 7.94
N LYS C 68 1.09 8.44 7.14
CA LYS C 68 2.12 9.46 7.28
C LYS C 68 2.04 10.18 8.61
N ASN C 69 0.85 10.23 9.23
CA ASN C 69 0.74 10.80 10.56
C ASN C 69 1.49 9.99 11.61
N GLY C 70 1.83 8.73 11.30
CA GLY C 70 2.62 7.90 12.19
C GLY C 70 1.95 6.61 12.64
N GLY C 71 0.63 6.48 12.47
CA GLY C 71 -0.04 5.26 12.84
C GLY C 71 0.08 4.17 11.77
N LYS C 72 -0.56 3.04 12.04
CA LYS C 72 -0.52 1.91 11.12
C LYS C 72 -1.80 1.12 11.24
N ARG C 73 -2.09 0.33 10.20
CA ARG C 73 -3.19 -0.61 10.23
C ARG C 73 -2.78 -1.90 9.55
N ILE C 74 -3.11 -3.02 10.20
CA ILE C 74 -2.74 -4.35 9.72
C ILE C 74 -3.95 -4.99 9.06
N LEU C 75 -3.79 -5.47 7.83
CA LEU C 75 -4.87 -6.11 7.11
C LEU C 75 -4.52 -7.53 6.76
N GLN C 76 -5.41 -8.47 7.09
CA GLN C 76 -5.20 -9.87 6.76
C GLN C 76 -5.59 -10.12 5.31
N LEU C 77 -4.66 -10.71 4.55
CA LEU C 77 -4.91 -11.05 3.15
C LEU C 77 -5.99 -12.10 2.98
N ASN C 78 -6.17 -12.98 3.96
CA ASN C 78 -7.22 -14.00 3.88
C ASN C 78 -8.53 -13.57 4.54
N SER C 79 -8.65 -12.33 5.01
CA SER C 79 -9.90 -11.87 5.61
C SER C 79 -10.83 -11.32 4.53
N LYS C 80 -12.09 -11.67 4.61
CA LYS C 80 -13.06 -11.06 3.70
C LYS C 80 -13.81 -9.90 4.34
N ASN C 81 -13.48 -9.52 5.57
CA ASN C 81 -14.09 -8.40 6.26
C ASN C 81 -13.35 -7.11 5.86
N TYR C 82 -14.09 -6.12 5.36
CA TYR C 82 -13.50 -4.84 4.98
C TYR C 82 -14.29 -3.72 5.64
N THR C 83 -13.60 -2.85 6.39
CA THR C 83 -14.26 -1.64 6.86
C THR C 83 -14.72 -0.83 5.65
N ALA C 84 -15.90 -0.22 5.80
CA ALA C 84 -16.62 0.46 4.72
C ALA C 84 -16.20 1.92 4.53
N ASN C 85 -14.95 2.28 4.80
CA ASN C 85 -14.49 3.66 4.69
C ASN C 85 -13.65 3.86 3.44
N LEU C 86 -13.57 5.12 3.00
CA LEU C 86 -12.67 5.52 1.92
C LEU C 86 -11.38 6.08 2.50
N VAL C 87 -10.26 5.80 1.82
CA VAL C 87 -8.91 6.14 2.28
C VAL C 87 -8.20 6.93 1.19
N HIS C 88 -7.53 8.03 1.57
CA HIS C 88 -6.85 8.86 0.58
C HIS C 88 -5.40 8.46 0.44
N ALA C 89 -4.98 8.20 -0.82
CA ALA C 89 -3.65 7.68 -1.07
C ALA C 89 -2.56 8.59 -0.52
N LYS C 90 -2.79 9.90 -0.50
CA LYS C 90 -1.74 10.82 -0.07
C LYS C 90 -1.49 10.76 1.43
N ASP C 91 -2.38 10.14 2.19
CA ASP C 91 -2.17 9.93 3.62
C ASP C 91 -1.32 8.72 3.93
N VAL C 92 -1.03 7.86 2.95
CA VAL C 92 -0.31 6.63 3.21
C VAL C 92 1.18 6.85 3.00
N LYS C 93 1.99 6.44 3.99
CA LYS C 93 3.43 6.53 3.88
C LYS C 93 4.02 5.38 3.07
N ARG C 94 3.69 4.13 3.43
CA ARG C 94 4.23 2.97 2.76
C ARG C 94 3.36 1.77 3.10
N ILE C 95 3.53 0.69 2.34
CA ILE C 95 2.83 -0.55 2.62
C ILE C 95 3.87 -1.66 2.69
N GLU C 96 3.80 -2.48 3.74
CA GLU C 96 4.73 -3.59 3.84
C GLU C 96 3.93 -4.88 3.83
N ILE C 97 4.27 -5.77 2.91
CA ILE C 97 3.55 -7.02 2.70
C ILE C 97 4.39 -8.15 3.30
N THR C 98 3.75 -8.99 4.10
CA THR C 98 4.43 -10.08 4.80
C THR C 98 3.71 -11.39 4.51
N VAL C 99 4.42 -12.35 3.94
CA VAL C 99 3.88 -13.68 3.69
C VAL C 99 4.87 -14.69 4.24
N LYS C 100 4.38 -15.56 5.12
CA LYS C 100 5.17 -16.54 5.88
C LYS C 100 6.33 -15.89 6.61
#